data_1P53
#
_entry.id   1P53
#
_cell.length_a   193.700
_cell.length_b   193.700
_cell.length_c   175.300
_cell.angle_alpha   90.00
_cell.angle_beta   90.00
_cell.angle_gamma   120.00
#
_symmetry.space_group_name_H-M   'H 3 2'
#
loop_
_entity.id
_entity.type
_entity.pdbx_description
1 polymer 'Intercellular adhesion molecule-1'
2 non-polymer 2-acetamido-2-deoxy-beta-D-glucopyranose
3 water water
#
_entity_poly.entity_id   1
_entity_poly.type   'polypeptide(L)'
_entity_poly.pdbx_seq_one_letter_code
;FVLPATPPQLVSPRVLEVDTQGTVVCSLDGLFPVSEAQVHLALGDQRLNPTVTYGNDSFSAKASVSVTAEDEGTQRLTCA
VILGNQSQETLQTVTIYSFPAPNVILTKPEVSEGTEVTVKCEAHPRAKVTLNGVPAQPLGPRAQLLLKATPEDNGRSFSC
SATLEVAGQLIHKNQTRELRVLYGPRLDERDCPGNWTWPENSQQTPMCQAWGNPLPELKCLKDGTFPLPIGESVTVTRDL
EGTYLCRARSTQGEVTREVTVNVLSP
;
_entity_poly.pdbx_strand_id   A,B
#
loop_
_chem_comp.id
_chem_comp.type
_chem_comp.name
_chem_comp.formula
NAG D-saccharide, beta linking 2-acetamido-2-deoxy-beta-D-glucopyranose 'C8 H15 N O6'
#
# COMPACT_ATOMS: atom_id res chain seq x y z
N PHE A 1 66.59 11.54 -15.38
CA PHE A 1 65.10 11.41 -15.38
C PHE A 1 64.35 12.68 -15.76
N VAL A 2 63.04 12.55 -15.99
CA VAL A 2 62.21 13.68 -16.35
C VAL A 2 60.86 13.52 -15.67
N LEU A 3 60.51 14.48 -14.82
CA LEU A 3 59.25 14.46 -14.10
C LEU A 3 58.67 15.85 -14.18
N PRO A 4 57.83 16.10 -15.20
CA PRO A 4 57.18 17.39 -15.44
C PRO A 4 56.46 17.89 -14.22
N ALA A 5 56.41 19.21 -14.07
CA ALA A 5 55.77 19.83 -12.93
C ALA A 5 54.27 20.06 -13.10
N THR A 6 53.50 18.98 -13.16
CA THR A 6 52.04 19.06 -13.26
C THR A 6 51.51 17.88 -12.44
N PRO A 7 50.40 18.07 -11.71
CA PRO A 7 49.81 17.02 -10.88
C PRO A 7 49.28 15.84 -11.65
N PRO A 8 49.40 14.65 -11.07
CA PRO A 8 48.90 13.44 -11.74
C PRO A 8 47.37 13.47 -11.78
N GLN A 9 46.78 12.77 -12.75
CA GLN A 9 45.34 12.72 -12.88
C GLN A 9 44.82 11.77 -11.82
N LEU A 10 43.86 12.23 -11.03
CA LEU A 10 43.32 11.42 -9.97
C LEU A 10 41.81 11.26 -10.07
N VAL A 11 41.36 10.05 -10.32
CA VAL A 11 39.94 9.80 -10.44
C VAL A 11 39.42 9.05 -9.23
N SER A 12 38.43 9.63 -8.56
CA SER A 12 37.83 9.01 -7.38
C SER A 12 36.47 9.57 -7.04
N PRO A 13 35.60 8.76 -6.42
CA PRO A 13 34.27 9.21 -6.03
C PRO A 13 34.40 10.26 -4.94
N ARG A 14 33.72 11.39 -5.08
CA ARG A 14 33.80 12.47 -4.09
C ARG A 14 33.10 12.07 -2.79
N VAL A 15 32.40 10.94 -2.84
CA VAL A 15 31.64 10.44 -1.69
C VAL A 15 31.75 8.91 -1.52
N LEU A 16 31.83 8.46 -0.27
CA LEU A 16 31.97 7.03 -0.02
C LEU A 16 31.34 6.60 1.31
N GLU A 17 30.52 5.57 1.25
CA GLU A 17 29.83 5.08 2.43
C GLU A 17 30.68 4.24 3.37
N VAL A 18 30.32 4.27 4.65
CA VAL A 18 31.00 3.49 5.68
C VAL A 18 30.80 2.00 5.42
N ASP A 19 31.84 1.21 5.68
CA ASP A 19 31.80 -0.23 5.50
C ASP A 19 31.59 -0.72 4.09
N THR A 20 31.91 0.13 3.10
CA THR A 20 31.79 -0.29 1.70
C THR A 20 33.16 -0.11 1.03
N GLN A 21 33.30 -0.60 -0.19
CA GLN A 21 34.57 -0.48 -0.88
C GLN A 21 34.56 0.56 -2.00
N GLY A 22 35.69 1.26 -2.14
CA GLY A 22 35.85 2.27 -3.16
C GLY A 22 37.00 1.95 -4.11
N THR A 23 37.08 2.71 -5.22
CA THR A 23 38.12 2.52 -6.22
C THR A 23 38.76 3.82 -6.71
N VAL A 24 40.06 3.96 -6.45
CA VAL A 24 40.82 5.13 -6.85
C VAL A 24 41.75 4.77 -8.00
N VAL A 25 41.94 5.71 -8.92
CA VAL A 25 42.82 5.50 -10.06
C VAL A 25 43.66 6.75 -10.26
N CYS A 26 44.97 6.56 -10.22
CA CYS A 26 45.91 7.66 -10.41
C CYS A 26 46.73 7.36 -11.66
N SER A 27 47.02 8.39 -12.44
CA SER A 27 47.80 8.21 -13.66
C SER A 27 48.55 9.47 -14.02
N LEU A 28 49.57 9.30 -14.86
CA LEU A 28 50.39 10.41 -15.30
C LEU A 28 51.27 9.96 -16.45
N ASP A 29 51.58 10.89 -17.35
CA ASP A 29 52.44 10.59 -18.49
C ASP A 29 53.48 11.68 -18.75
N GLY A 30 54.36 11.42 -19.70
CA GLY A 30 55.39 12.38 -20.02
C GLY A 30 56.54 12.30 -19.04
N LEU A 31 56.63 11.21 -18.29
CA LEU A 31 57.70 11.03 -17.34
C LEU A 31 58.59 9.87 -17.76
N PHE A 32 59.83 9.88 -17.29
CA PHE A 32 60.80 8.85 -17.65
C PHE A 32 61.93 8.83 -16.61
N PRO A 33 62.34 7.63 -16.15
CA PRO A 33 61.89 6.26 -16.46
C PRO A 33 60.71 5.86 -15.59
N VAL A 34 59.54 5.80 -16.19
CA VAL A 34 58.32 5.45 -15.48
C VAL A 34 58.43 4.22 -14.57
N SER A 35 59.19 3.21 -15.01
CA SER A 35 59.32 2.00 -14.22
C SER A 35 60.00 2.20 -12.88
N GLU A 36 60.79 3.28 -12.77
CA GLU A 36 61.50 3.57 -11.52
C GLU A 36 60.77 4.49 -10.56
N ALA A 37 59.72 5.16 -11.05
CA ALA A 37 58.95 6.08 -10.22
C ALA A 37 58.18 5.39 -9.12
N GLN A 38 58.05 6.09 -7.99
CA GLN A 38 57.34 5.60 -6.82
C GLN A 38 55.98 6.28 -6.79
N VAL A 39 54.91 5.50 -6.68
CA VAL A 39 53.58 6.06 -6.66
C VAL A 39 52.98 5.92 -5.27
N HIS A 40 52.66 7.06 -4.65
CA HIS A 40 52.08 7.07 -3.32
C HIS A 40 50.62 7.45 -3.35
N LEU A 41 49.77 6.49 -3.02
CA LEU A 41 48.32 6.67 -3.01
C LEU A 41 47.84 6.44 -1.58
N ALA A 42 46.95 7.31 -1.09
CA ALA A 42 46.41 7.18 0.27
C ALA A 42 45.23 8.09 0.56
N LEU A 43 44.33 7.59 1.39
CA LEU A 43 43.12 8.32 1.80
C LEU A 43 43.18 8.47 3.30
N GLY A 44 43.33 9.70 3.77
CA GLY A 44 43.43 9.91 5.20
C GLY A 44 44.73 9.30 5.67
N ASP A 45 44.70 8.58 6.79
CA ASP A 45 45.91 7.94 7.32
C ASP A 45 46.05 6.50 6.82
N GLN A 46 45.32 6.17 5.77
CA GLN A 46 45.33 4.82 5.20
C GLN A 46 46.07 4.74 3.87
N ARG A 47 47.30 4.20 3.90
CA ARG A 47 48.14 4.06 2.70
C ARG A 47 47.62 2.91 1.84
N LEU A 48 47.31 3.22 0.59
CA LEU A 48 46.76 2.24 -0.36
C LEU A 48 47.77 1.42 -1.13
N ASN A 49 47.36 0.22 -1.56
CA ASN A 49 48.21 -0.67 -2.34
C ASN A 49 47.70 -0.65 -3.78
N PRO A 50 48.33 0.15 -4.65
CA PRO A 50 47.89 0.22 -6.04
C PRO A 50 48.49 -0.84 -6.95
N THR A 51 47.84 -1.05 -8.08
CA THR A 51 48.33 -1.97 -9.10
C THR A 51 48.74 -1.06 -10.25
N VAL A 52 50.04 -0.82 -10.35
CA VAL A 52 50.58 0.05 -11.39
C VAL A 52 50.71 -0.66 -12.74
N THR A 53 50.20 0.01 -13.77
CA THR A 53 50.22 -0.51 -15.13
C THR A 53 51.02 0.49 -15.95
N TYR A 54 52.07 0.03 -16.63
CA TYR A 54 52.89 0.94 -17.41
C TYR A 54 52.55 1.04 -18.89
N GLY A 55 52.99 2.13 -19.51
CA GLY A 55 52.75 2.36 -20.92
C GLY A 55 53.83 3.25 -21.52
N ASN A 56 53.55 3.80 -22.70
CA ASN A 56 54.45 4.71 -23.43
C ASN A 56 54.83 5.89 -22.54
N ASP A 57 55.87 5.74 -21.70
CA ASP A 57 56.28 6.82 -20.78
C ASP A 57 55.12 7.28 -19.93
N SER A 58 54.33 6.32 -19.46
CA SER A 58 53.14 6.63 -18.67
C SER A 58 52.78 5.49 -17.72
N PHE A 59 51.92 5.82 -16.77
CA PHE A 59 51.45 4.81 -15.81
C PHE A 59 50.04 5.11 -15.35
N SER A 60 49.39 4.06 -14.87
CA SER A 60 48.06 4.14 -14.33
C SER A 60 48.05 3.25 -13.11
N ALA A 61 47.80 3.84 -11.94
CA ALA A 61 47.77 3.09 -10.70
C ALA A 61 46.33 2.99 -10.17
N LYS A 62 45.83 1.76 -10.03
CA LYS A 62 44.48 1.53 -9.54
C LYS A 62 44.55 0.91 -8.16
N ALA A 63 43.65 1.35 -7.28
CA ALA A 63 43.62 0.85 -5.91
C ALA A 63 42.22 0.86 -5.33
N SER A 64 41.96 -0.10 -4.46
CA SER A 64 40.68 -0.22 -3.79
C SER A 64 40.84 0.32 -2.37
N VAL A 65 39.75 0.84 -1.80
CA VAL A 65 39.83 1.36 -0.45
C VAL A 65 38.55 1.05 0.30
N SER A 66 38.71 0.63 1.54
CA SER A 66 37.57 0.32 2.38
C SER A 66 37.59 1.28 3.55
N VAL A 67 36.41 1.74 3.92
CA VAL A 67 36.27 2.68 5.01
C VAL A 67 35.44 2.09 6.14
N THR A 68 35.60 2.64 7.35
CA THR A 68 34.84 2.20 8.52
C THR A 68 34.27 3.43 9.23
N ALA A 69 33.51 3.19 10.29
CA ALA A 69 32.88 4.25 11.07
C ALA A 69 33.85 5.32 11.56
N GLU A 70 35.07 4.89 11.92
CA GLU A 70 36.08 5.80 12.42
C GLU A 70 36.48 6.87 11.40
N ASP A 71 36.41 6.52 10.12
CA ASP A 71 36.78 7.42 9.03
C ASP A 71 35.68 8.42 8.65
N GLU A 72 34.54 8.37 9.34
CA GLU A 72 33.44 9.29 9.04
C GLU A 72 33.85 10.74 9.01
N GLY A 73 33.44 11.43 7.95
CA GLY A 73 33.77 12.84 7.79
C GLY A 73 34.57 13.07 6.53
N THR A 74 35.12 14.28 6.39
CA THR A 74 35.94 14.61 5.24
C THR A 74 37.34 14.03 5.41
N GLN A 75 37.79 13.26 4.41
CA GLN A 75 39.11 12.67 4.42
C GLN A 75 39.88 13.18 3.22
N ARG A 76 41.20 13.10 3.29
CA ARG A 76 42.04 13.58 2.21
C ARG A 76 42.64 12.44 1.38
N LEU A 77 42.39 12.51 0.08
CA LEU A 77 42.90 11.52 -0.87
C LEU A 77 44.07 12.16 -1.56
N THR A 78 45.21 11.47 -1.57
CA THR A 78 46.40 12.01 -2.20
C THR A 78 47.08 11.02 -3.14
N CYS A 79 47.65 11.56 -4.21
CA CYS A 79 48.42 10.78 -5.16
C CYS A 79 49.70 11.55 -5.37
N ALA A 80 50.84 10.89 -5.17
CA ALA A 80 52.13 11.52 -5.35
C ALA A 80 52.98 10.66 -6.23
N VAL A 81 53.61 11.27 -7.23
CA VAL A 81 54.48 10.55 -8.14
C VAL A 81 55.87 11.07 -7.87
N ILE A 82 56.78 10.16 -7.54
CA ILE A 82 58.15 10.52 -7.21
C ILE A 82 59.24 9.86 -8.05
N LEU A 83 60.17 10.69 -8.50
CA LEU A 83 61.32 10.29 -9.29
C LEU A 83 62.48 11.11 -8.77
N GLY A 84 63.55 10.43 -8.39
CA GLY A 84 64.70 11.12 -7.87
C GLY A 84 64.33 11.89 -6.62
N ASN A 85 64.64 13.18 -6.62
CA ASN A 85 64.35 14.04 -5.47
C ASN A 85 63.18 14.99 -5.73
N GLN A 86 62.40 14.70 -6.78
CA GLN A 86 61.23 15.50 -7.18
C GLN A 86 59.93 14.71 -7.07
N SER A 87 58.85 15.40 -6.70
CA SER A 87 57.55 14.76 -6.57
C SER A 87 56.41 15.67 -7.02
N GLN A 88 55.44 15.06 -7.71
CA GLN A 88 54.27 15.78 -8.17
C GLN A 88 53.10 15.18 -7.39
N GLU A 89 52.32 16.06 -6.75
CA GLU A 89 51.22 15.61 -5.91
C GLU A 89 49.86 16.24 -6.20
N THR A 90 48.81 15.43 -6.06
CA THR A 90 47.43 15.86 -6.27
C THR A 90 46.61 15.62 -5.00
N LEU A 91 45.90 16.65 -4.56
CA LEU A 91 45.07 16.56 -3.36
C LEU A 91 43.60 16.68 -3.69
N GLN A 92 42.81 15.77 -3.13
CA GLN A 92 41.36 15.75 -3.33
C GLN A 92 40.67 15.37 -2.04
N THR A 93 39.38 15.64 -1.97
CA THR A 93 38.60 15.30 -0.80
C THR A 93 37.62 14.19 -1.10
N VAL A 94 37.37 13.36 -0.10
CA VAL A 94 36.41 12.28 -0.22
C VAL A 94 35.64 12.30 1.09
N THR A 95 34.32 12.33 0.99
CA THR A 95 33.48 12.36 2.19
C THR A 95 32.93 10.98 2.53
N ILE A 96 33.20 10.55 3.76
CA ILE A 96 32.72 9.28 4.26
C ILE A 96 31.46 9.55 5.06
N TYR A 97 30.40 8.87 4.67
CA TYR A 97 29.12 9.07 5.32
C TYR A 97 28.54 7.76 5.80
N SER A 98 27.57 7.86 6.71
CA SER A 98 26.87 6.70 7.22
C SER A 98 25.41 6.91 6.92
N PHE A 99 24.86 6.00 6.12
CA PHE A 99 23.47 6.08 5.72
C PHE A 99 22.77 4.80 6.16
N PRO A 100 22.18 4.79 7.36
CA PRO A 100 21.47 3.62 7.89
C PRO A 100 20.32 3.22 6.95
N ALA A 101 20.24 1.94 6.63
CA ALA A 101 19.20 1.44 5.75
C ALA A 101 17.81 1.65 6.32
N PRO A 102 16.89 2.18 5.50
CA PRO A 102 15.50 2.44 5.88
C PRO A 102 14.73 1.12 5.89
N ASN A 103 14.73 0.45 7.04
CA ASN A 103 14.07 -0.85 7.17
C ASN A 103 12.56 -0.82 7.11
N VAL A 104 11.99 -1.81 6.43
CA VAL A 104 10.55 -1.94 6.27
C VAL A 104 9.98 -2.73 7.45
N ILE A 105 9.09 -2.09 8.19
CA ILE A 105 8.46 -2.71 9.35
C ILE A 105 7.04 -3.19 9.03
N LEU A 106 6.88 -4.51 8.98
CA LEU A 106 5.58 -5.11 8.72
C LEU A 106 5.03 -5.62 10.06
N THR A 107 3.79 -5.22 10.36
CA THR A 107 3.12 -5.62 11.60
C THR A 107 3.27 -7.13 11.77
N LYS A 108 2.85 -7.85 10.74
CA LYS A 108 2.94 -9.30 10.67
C LYS A 108 3.32 -9.59 9.21
N PRO A 109 4.49 -10.20 8.99
CA PRO A 109 4.97 -10.54 7.65
C PRO A 109 4.05 -11.52 6.92
N GLU A 110 3.56 -12.53 7.62
CA GLU A 110 2.64 -13.52 7.06
C GLU A 110 1.30 -13.25 7.71
N VAL A 111 0.27 -13.11 6.89
CA VAL A 111 -1.06 -12.80 7.37
C VAL A 111 -2.11 -13.51 6.54
N SER A 112 -3.32 -13.65 7.08
CA SER A 112 -4.39 -14.31 6.35
C SER A 112 -5.33 -13.27 5.74
N GLU A 113 -5.85 -13.61 4.56
CA GLU A 113 -6.78 -12.75 3.83
C GLU A 113 -7.78 -12.07 4.76
N GLY A 114 -7.86 -10.73 4.66
CA GLY A 114 -8.80 -9.98 5.48
C GLY A 114 -8.23 -9.20 6.65
N THR A 115 -7.05 -9.60 7.11
CA THR A 115 -6.39 -8.94 8.23
C THR A 115 -5.93 -7.52 7.86
N GLU A 116 -5.95 -6.62 8.83
CA GLU A 116 -5.49 -5.24 8.65
C GLU A 116 -3.97 -5.26 8.66
N VAL A 117 -3.35 -4.60 7.68
CA VAL A 117 -1.89 -4.56 7.61
C VAL A 117 -1.34 -3.15 7.65
N THR A 118 -0.33 -2.97 8.50
CA THR A 118 0.33 -1.69 8.71
C THR A 118 1.78 -1.76 8.25
N VAL A 119 2.20 -0.74 7.50
CA VAL A 119 3.57 -0.65 6.99
C VAL A 119 4.24 0.68 7.36
N LYS A 120 5.39 0.60 8.04
CA LYS A 120 6.14 1.78 8.41
C LYS A 120 7.64 1.56 8.27
N CYS A 121 8.39 2.66 8.10
CA CYS A 121 9.84 2.61 7.93
C CYS A 121 10.54 3.01 9.22
N GLU A 122 11.69 2.40 9.50
CA GLU A 122 12.45 2.71 10.72
C GLU A 122 13.95 2.52 10.61
N ALA A 123 14.67 3.64 10.73
CA ALA A 123 16.13 3.66 10.67
C ALA A 123 16.69 4.63 11.73
N GLY A 140 7.38 17.14 13.21
CA GLY A 140 7.00 16.35 12.06
C GLY A 140 6.22 15.09 12.40
N PRO A 141 5.00 14.92 11.84
CA PRO A 141 4.10 13.77 12.03
C PRO A 141 4.56 12.44 11.42
N ARG A 142 4.27 11.34 12.12
CA ARG A 142 4.63 9.97 11.69
C ARG A 142 3.57 9.34 10.76
N ALA A 143 3.95 8.97 9.53
CA ALA A 143 3.00 8.37 8.58
C ALA A 143 3.18 6.85 8.36
N GLN A 144 2.04 6.15 8.33
CA GLN A 144 2.00 4.70 8.11
C GLN A 144 1.02 4.37 7.00
N LEU A 145 1.22 3.24 6.35
CA LEU A 145 0.34 2.80 5.28
C LEU A 145 -0.54 1.66 5.79
N LEU A 146 -1.85 1.83 5.68
CA LEU A 146 -2.80 0.81 6.11
C LEU A 146 -3.54 0.29 4.91
N LEU A 147 -3.82 -1.01 4.94
CA LEU A 147 -4.55 -1.66 3.86
C LEU A 147 -5.10 -2.98 4.35
N LYS A 148 -6.22 -3.40 3.80
CA LYS A 148 -6.79 -4.69 4.17
C LYS A 148 -6.24 -5.72 3.18
N ALA A 149 -5.47 -6.67 3.71
CA ALA A 149 -4.84 -7.69 2.88
C ALA A 149 -5.81 -8.52 2.05
N THR A 150 -5.50 -8.64 0.76
CA THR A 150 -6.31 -9.42 -0.16
C THR A 150 -5.38 -10.52 -0.70
N PRO A 151 -5.96 -11.60 -1.26
CA PRO A 151 -5.14 -12.69 -1.80
C PRO A 151 -4.21 -12.24 -2.89
N GLU A 152 -4.62 -11.18 -3.60
CA GLU A 152 -3.82 -10.65 -4.70
C GLU A 152 -2.53 -10.00 -4.20
N ASP A 153 -2.41 -9.89 -2.88
CA ASP A 153 -1.23 -9.29 -2.28
C ASP A 153 -0.15 -10.29 -1.94
N ASN A 154 -0.50 -11.57 -1.93
CA ASN A 154 0.49 -12.59 -1.61
C ASN A 154 1.62 -12.47 -2.62
N GLY A 155 2.83 -12.25 -2.10
CA GLY A 155 3.99 -12.11 -2.94
C GLY A 155 4.31 -10.67 -3.33
N ARG A 156 3.42 -9.74 -3.02
CA ARG A 156 3.65 -8.33 -3.34
C ARG A 156 4.68 -7.72 -2.42
N SER A 157 5.33 -6.65 -2.89
CA SER A 157 6.35 -6.03 -2.10
C SER A 157 6.16 -4.56 -1.74
N PHE A 158 6.38 -4.29 -0.46
CA PHE A 158 6.29 -2.96 0.11
C PHE A 158 7.72 -2.42 0.15
N SER A 159 7.86 -1.11 0.04
CA SER A 159 9.17 -0.49 0.05
C SER A 159 9.27 0.74 0.92
N CYS A 160 10.48 0.99 1.39
CA CYS A 160 10.84 2.14 2.21
C CYS A 160 12.04 2.80 1.55
N SER A 161 11.82 3.94 0.91
CA SER A 161 12.90 4.66 0.24
C SER A 161 13.30 5.92 1.00
N ALA A 162 14.59 6.20 1.02
CA ALA A 162 15.11 7.38 1.71
C ALA A 162 16.19 8.06 0.90
N THR A 163 16.49 9.30 1.28
CA THR A 163 17.52 10.10 0.63
C THR A 163 18.38 10.76 1.70
N LEU A 164 19.62 11.08 1.35
CA LEU A 164 20.54 11.72 2.27
C LEU A 164 21.42 12.68 1.52
N GLU A 165 21.68 13.81 2.14
CA GLU A 165 22.52 14.83 1.53
C GLU A 165 23.93 14.81 2.10
N VAL A 166 24.90 14.58 1.23
CA VAL A 166 26.30 14.55 1.63
C VAL A 166 27.12 15.20 0.53
N ALA A 167 27.77 16.31 0.89
CA ALA A 167 28.59 17.09 -0.02
C ALA A 167 27.84 17.51 -1.28
N GLY A 168 26.73 18.21 -1.08
CA GLY A 168 25.91 18.70 -2.19
C GLY A 168 25.43 17.64 -3.16
N GLN A 169 25.60 16.38 -2.78
CA GLN A 169 25.19 15.27 -3.61
C GLN A 169 24.06 14.51 -2.92
N LEU A 170 23.09 14.04 -3.70
CA LEU A 170 21.94 13.32 -3.16
C LEU A 170 22.07 11.80 -3.28
N ILE A 171 22.20 11.13 -2.14
CA ILE A 171 22.34 9.67 -2.10
C ILE A 171 20.97 9.03 -1.82
N HIS A 172 20.64 7.98 -2.56
CA HIS A 172 19.37 7.27 -2.41
C HIS A 172 19.60 5.85 -1.91
N LYS A 173 18.69 5.37 -1.09
CA LYS A 173 18.79 4.04 -0.54
C LYS A 173 17.39 3.57 -0.19
N ASN A 174 17.09 2.29 -0.45
CA ASN A 174 15.77 1.77 -0.15
C ASN A 174 15.79 0.33 0.35
N GLN A 175 14.61 -0.21 0.57
CA GLN A 175 14.46 -1.58 1.02
C GLN A 175 13.04 -2.06 0.70
N THR A 176 12.95 -3.22 0.07
CA THR A 176 11.64 -3.78 -0.26
C THR A 176 11.46 -5.05 0.56
N ARG A 177 10.22 -5.39 0.86
CA ARG A 177 9.92 -6.60 1.63
C ARG A 177 8.60 -7.15 1.13
N GLU A 178 8.54 -8.47 0.94
CA GLU A 178 7.34 -9.16 0.48
C GLU A 178 6.40 -9.54 1.62
N LEU A 179 5.12 -9.57 1.29
CA LEU A 179 4.07 -9.91 2.24
C LEU A 179 3.44 -11.21 1.78
N ARG A 180 3.33 -12.18 2.68
CA ARG A 180 2.72 -13.45 2.36
C ARG A 180 1.29 -13.47 2.88
N VAL A 181 0.32 -13.58 1.97
CA VAL A 181 -1.08 -13.62 2.36
C VAL A 181 -1.60 -15.05 2.22
N LEU A 182 -2.41 -15.49 3.16
CA LEU A 182 -2.96 -16.83 3.11
C LEU A 182 -4.47 -16.81 2.88
N TYR A 183 -4.97 -17.67 2.00
CA TYR A 183 -6.40 -17.74 1.75
C TYR A 183 -6.93 -19.17 1.72
N GLY A 184 -7.77 -19.47 2.71
CA GLY A 184 -8.35 -20.79 2.87
C GLY A 184 -8.73 -21.48 1.58
N PRO A 185 -8.79 -22.83 1.57
CA PRO A 185 -9.14 -23.61 0.39
C PRO A 185 -10.55 -23.29 -0.09
N ARG A 186 -10.72 -23.18 -1.40
CA ARG A 186 -12.02 -22.85 -1.96
C ARG A 186 -12.37 -23.66 -3.20
N LEU A 187 -13.64 -24.03 -3.31
CA LEU A 187 -14.15 -24.78 -4.45
C LEU A 187 -15.49 -24.23 -4.95
N ASP A 188 -15.49 -23.04 -5.55
CA ASP A 188 -16.73 -22.45 -6.05
C ASP A 188 -17.38 -23.37 -7.07
N GLU A 189 -18.71 -23.29 -7.19
CA GLU A 189 -19.42 -24.08 -8.17
C GLU A 189 -18.89 -23.65 -9.53
N ARG A 190 -18.35 -22.43 -9.56
CA ARG A 190 -17.78 -21.83 -10.76
C ARG A 190 -16.55 -22.57 -11.25
N ASP A 191 -15.56 -22.76 -10.38
CA ASP A 191 -14.33 -23.44 -10.78
C ASP A 191 -14.23 -24.94 -10.42
N CYS A 192 -15.38 -25.57 -10.20
CA CYS A 192 -15.49 -27.00 -9.90
C CYS A 192 -16.95 -27.42 -9.81
N PRO A 193 -17.64 -27.44 -10.95
CA PRO A 193 -19.04 -27.81 -11.14
C PRO A 193 -19.48 -29.07 -10.42
N GLY A 194 -20.66 -29.02 -9.82
CA GLY A 194 -21.19 -30.16 -9.09
C GLY A 194 -21.66 -31.36 -9.89
N ASN A 195 -21.97 -31.17 -11.18
CA ASN A 195 -22.40 -32.30 -12.00
C ASN A 195 -22.02 -32.20 -13.48
N TRP A 196 -21.96 -33.35 -14.13
CA TRP A 196 -21.61 -33.45 -15.54
C TRP A 196 -22.47 -34.51 -16.19
N THR A 197 -22.82 -34.29 -17.45
CA THR A 197 -23.59 -35.27 -18.20
C THR A 197 -22.91 -35.36 -19.55
N TRP A 198 -22.13 -36.42 -19.73
CA TRP A 198 -21.41 -36.61 -20.98
C TRP A 198 -21.86 -37.86 -21.70
N PRO A 199 -22.00 -37.78 -23.03
CA PRO A 199 -22.41 -38.88 -23.90
C PRO A 199 -21.29 -39.90 -23.89
N GLU A 200 -21.62 -41.18 -23.76
CA GLU A 200 -20.58 -42.20 -23.76
C GLU A 200 -19.76 -42.09 -25.03
N ASN A 201 -18.45 -42.03 -24.85
CA ASN A 201 -17.51 -41.96 -25.95
C ASN A 201 -17.21 -40.60 -26.56
N SER A 202 -17.62 -39.55 -25.87
CA SER A 202 -17.34 -38.21 -26.34
C SER A 202 -16.01 -37.76 -25.75
N GLN A 203 -15.51 -36.62 -26.18
CA GLN A 203 -14.26 -36.06 -25.67
C GLN A 203 -14.64 -34.91 -24.76
N GLN A 204 -14.11 -34.95 -23.54
CA GLN A 204 -14.39 -33.92 -22.56
C GLN A 204 -13.11 -33.63 -21.78
N THR A 205 -13.16 -32.61 -20.93
CA THR A 205 -12.04 -32.25 -20.06
C THR A 205 -12.66 -31.90 -18.72
N PRO A 206 -12.63 -32.84 -17.76
CA PRO A 206 -13.19 -32.66 -16.42
C PRO A 206 -12.58 -31.42 -15.75
N MET A 207 -13.44 -30.53 -15.26
CA MET A 207 -12.94 -29.32 -14.64
C MET A 207 -13.24 -29.16 -13.15
N CYS A 208 -12.18 -29.11 -12.36
CA CYS A 208 -12.27 -28.92 -10.91
C CYS A 208 -10.94 -28.37 -10.41
N GLN A 209 -10.93 -27.08 -10.06
CA GLN A 209 -9.72 -26.42 -9.56
C GLN A 209 -9.90 -25.79 -8.19
N ALA A 210 -8.99 -26.12 -7.28
CA ALA A 210 -9.00 -25.59 -5.93
C ALA A 210 -8.27 -24.27 -5.95
N TRP A 211 -8.64 -23.41 -5.00
CA TRP A 211 -8.06 -22.08 -4.87
C TRP A 211 -7.50 -21.90 -3.47
N GLY A 212 -6.33 -21.26 -3.36
CA GLY A 212 -5.77 -21.02 -2.05
C GLY A 212 -4.27 -20.99 -1.86
N ASN A 213 -3.85 -20.41 -0.74
CA ASN A 213 -2.44 -20.33 -0.41
C ASN A 213 -2.30 -20.72 1.05
N PRO A 214 -1.51 -21.76 1.32
CA PRO A 214 -0.80 -22.54 0.31
C PRO A 214 -1.75 -23.26 -0.64
N LEU A 215 -1.27 -23.55 -1.86
CA LEU A 215 -2.07 -24.23 -2.87
C LEU A 215 -2.60 -25.53 -2.30
N PRO A 216 -3.92 -25.60 -2.09
CA PRO A 216 -4.59 -26.78 -1.53
C PRO A 216 -4.48 -28.04 -2.37
N GLU A 217 -4.30 -29.17 -1.70
CA GLU A 217 -4.21 -30.47 -2.37
C GLU A 217 -5.64 -30.89 -2.69
N LEU A 218 -5.87 -31.27 -3.93
CA LEU A 218 -7.20 -31.66 -4.37
C LEU A 218 -7.24 -33.11 -4.82
N LYS A 219 -8.31 -33.80 -4.42
CA LYS A 219 -8.53 -35.19 -4.78
C LYS A 219 -10.01 -35.42 -4.97
N CYS A 220 -10.38 -35.87 -6.16
CA CYS A 220 -11.78 -36.17 -6.47
C CYS A 220 -11.92 -37.67 -6.60
N LEU A 221 -12.45 -38.32 -5.57
CA LEU A 221 -12.58 -39.76 -5.59
C LEU A 221 -13.98 -40.28 -5.53
N LYS A 222 -14.17 -41.41 -6.21
CA LYS A 222 -15.44 -42.11 -6.28
C LYS A 222 -15.18 -43.45 -5.62
N ASP A 223 -16.05 -43.84 -4.69
CA ASP A 223 -15.86 -45.09 -3.97
C ASP A 223 -14.49 -45.02 -3.28
N GLY A 224 -14.14 -43.83 -2.79
CA GLY A 224 -12.88 -43.65 -2.11
C GLY A 224 -11.59 -43.94 -2.85
N THR A 225 -11.62 -44.47 -4.07
CA THR A 225 -10.37 -44.76 -4.79
C THR A 225 -10.29 -44.41 -6.28
N PHE A 226 -11.42 -44.35 -6.98
CA PHE A 226 -11.43 -44.02 -8.40
C PHE A 226 -11.42 -42.52 -8.61
N PRO A 227 -10.32 -41.98 -9.15
CA PRO A 227 -10.18 -40.55 -9.40
C PRO A 227 -10.81 -40.05 -10.69
N LEU A 228 -11.23 -38.80 -10.65
CA LEU A 228 -11.82 -38.13 -11.80
C LEU A 228 -10.62 -37.50 -12.50
N PRO A 229 -10.45 -37.75 -13.81
CA PRO A 229 -9.34 -37.22 -14.60
C PRO A 229 -9.48 -35.73 -14.84
N ILE A 230 -9.31 -34.92 -13.80
CA ILE A 230 -9.47 -33.48 -13.96
C ILE A 230 -8.31 -32.79 -14.67
N GLY A 231 -8.63 -31.71 -15.38
CA GLY A 231 -7.63 -30.95 -16.11
C GLY A 231 -7.14 -31.53 -17.44
N GLU A 232 -7.44 -32.79 -17.71
CA GLU A 232 -6.99 -33.42 -18.95
C GLU A 232 -8.13 -33.85 -19.86
N SER A 233 -7.85 -33.91 -21.15
CA SER A 233 -8.82 -34.33 -22.16
C SER A 233 -8.91 -35.86 -22.17
N VAL A 234 -10.12 -36.39 -22.06
CA VAL A 234 -10.31 -37.83 -22.02
C VAL A 234 -11.43 -38.29 -22.90
N THR A 235 -11.49 -39.60 -23.11
CA THR A 235 -12.56 -40.21 -23.87
C THR A 235 -13.53 -40.71 -22.82
N VAL A 236 -14.76 -40.22 -22.85
CA VAL A 236 -15.75 -40.62 -21.85
C VAL A 236 -16.07 -42.11 -21.91
N THR A 237 -15.89 -42.78 -20.78
CA THR A 237 -16.16 -44.20 -20.68
C THR A 237 -17.17 -44.49 -19.58
N ARG A 238 -17.71 -45.70 -19.61
CA ARG A 238 -18.71 -46.12 -18.64
C ARG A 238 -18.23 -45.99 -17.20
N ASP A 239 -16.99 -46.39 -16.94
CA ASP A 239 -16.49 -46.32 -15.58
C ASP A 239 -16.27 -44.94 -14.98
N LEU A 240 -16.58 -43.88 -15.73
CA LEU A 240 -16.42 -42.53 -15.19
C LEU A 240 -17.67 -42.19 -14.42
N GLU A 241 -18.76 -42.85 -14.80
CA GLU A 241 -20.05 -42.66 -14.19
C GLU A 241 -20.01 -42.90 -12.70
N GLY A 242 -20.62 -42.01 -11.94
CA GLY A 242 -20.63 -42.18 -10.50
C GLY A 242 -20.61 -40.87 -9.74
N THR A 243 -20.42 -40.99 -8.44
CA THR A 243 -20.37 -39.83 -7.58
C THR A 243 -18.97 -39.68 -7.02
N TYR A 244 -18.43 -38.47 -7.14
CA TYR A 244 -17.11 -38.22 -6.65
C TYR A 244 -17.16 -37.24 -5.49
N LEU A 245 -16.25 -37.38 -4.55
CA LEU A 245 -16.15 -36.46 -3.42
C LEU A 245 -14.86 -35.70 -3.61
N CYS A 246 -14.95 -34.46 -4.05
CA CYS A 246 -13.77 -33.64 -4.28
C CYS A 246 -13.35 -32.93 -2.99
N ARG A 247 -12.18 -33.31 -2.47
CA ARG A 247 -11.65 -32.71 -1.25
C ARG A 247 -10.43 -31.83 -1.49
N ALA A 248 -10.51 -30.60 -1.00
CA ALA A 248 -9.43 -29.64 -1.13
C ALA A 248 -9.03 -29.22 0.28
N ARG A 249 -7.87 -29.69 0.74
CA ARG A 249 -7.39 -29.36 2.08
C ARG A 249 -6.02 -28.71 2.06
N SER A 250 -5.78 -27.89 3.08
CA SER A 250 -4.52 -27.19 3.27
C SER A 250 -4.53 -26.75 4.72
N THR A 251 -3.38 -26.27 5.18
CA THR A 251 -3.26 -25.83 6.55
C THR A 251 -4.26 -24.74 6.93
N GLN A 252 -4.93 -24.13 5.95
CA GLN A 252 -5.91 -23.08 6.25
C GLN A 252 -7.32 -23.60 6.45
N GLY A 253 -7.51 -24.90 6.19
CA GLY A 253 -8.81 -25.50 6.33
C GLY A 253 -9.05 -26.59 5.30
N GLU A 254 -10.30 -27.00 5.19
CA GLU A 254 -10.68 -28.05 4.25
C GLU A 254 -12.10 -27.82 3.75
N VAL A 255 -12.30 -28.05 2.45
CA VAL A 255 -13.62 -27.89 1.82
C VAL A 255 -13.98 -29.12 1.01
N THR A 256 -15.18 -29.63 1.23
CA THR A 256 -15.66 -30.81 0.52
C THR A 256 -16.81 -30.51 -0.43
N ARG A 257 -16.73 -31.11 -1.62
CA ARG A 257 -17.76 -30.93 -2.63
C ARG A 257 -18.05 -32.25 -3.34
N GLU A 258 -19.34 -32.51 -3.58
CA GLU A 258 -19.75 -33.74 -4.23
C GLU A 258 -19.99 -33.50 -5.72
N VAL A 259 -19.38 -34.32 -6.58
CA VAL A 259 -19.53 -34.20 -8.03
C VAL A 259 -20.15 -35.46 -8.63
N THR A 260 -21.17 -35.26 -9.47
CA THR A 260 -21.88 -36.37 -10.09
C THR A 260 -21.66 -36.45 -11.58
N VAL A 261 -21.16 -37.59 -12.05
CA VAL A 261 -20.94 -37.77 -13.48
C VAL A 261 -21.97 -38.75 -14.03
N ASN A 262 -22.75 -38.29 -15.01
CA ASN A 262 -23.76 -39.10 -15.68
C ASN A 262 -23.21 -39.40 -17.06
N VAL A 263 -23.22 -40.66 -17.46
CA VAL A 263 -22.71 -41.01 -18.78
C VAL A 263 -23.80 -41.55 -19.68
N LEU A 264 -24.41 -40.67 -20.47
CA LEU A 264 -25.49 -41.07 -21.37
C LEU A 264 -25.04 -42.08 -22.43
N SER A 265 -25.99 -42.83 -22.98
CA SER A 265 -25.68 -43.81 -24.02
C SER A 265 -25.25 -42.98 -25.23
N PRO A 266 -24.25 -43.47 -26.02
CA PRO A 266 -23.72 -42.78 -27.20
C PRO A 266 -24.74 -42.42 -28.31
N PHE B 1 -24.02 42.68 47.88
CA PHE B 1 -23.97 41.37 47.16
C PHE B 1 -22.93 40.41 47.79
N VAL B 2 -22.80 39.24 47.19
CA VAL B 2 -21.85 38.23 47.66
C VAL B 2 -21.25 37.43 46.51
N LEU B 3 -19.94 37.58 46.36
CA LEU B 3 -19.15 36.90 45.34
C LEU B 3 -18.00 36.26 46.08
N PRO B 4 -18.12 34.94 46.37
CA PRO B 4 -17.12 34.13 47.09
C PRO B 4 -15.71 34.22 46.51
N ALA B 5 -14.72 34.21 47.39
CA ALA B 5 -13.33 34.27 46.97
C ALA B 5 -12.90 32.88 46.54
N THR B 6 -13.33 32.52 45.35
CA THR B 6 -13.03 31.23 44.74
C THR B 6 -13.03 31.42 43.23
N PRO B 7 -12.04 30.84 42.55
CA PRO B 7 -11.96 30.97 41.09
C PRO B 7 -13.00 30.09 40.41
N PRO B 8 -13.60 30.58 39.32
CA PRO B 8 -14.61 29.78 38.63
C PRO B 8 -14.02 28.53 37.96
N GLN B 9 -14.86 27.53 37.74
CA GLN B 9 -14.43 26.29 37.10
C GLN B 9 -14.46 26.47 35.58
N LEU B 10 -13.31 26.28 34.96
CA LEU B 10 -13.19 26.43 33.51
C LEU B 10 -13.02 25.06 32.88
N VAL B 11 -13.72 24.84 31.78
CA VAL B 11 -13.64 23.55 31.08
C VAL B 11 -13.43 23.79 29.58
N SER B 12 -12.27 23.37 29.08
CA SER B 12 -11.96 23.53 27.67
C SER B 12 -10.85 22.57 27.25
N PRO B 13 -10.81 22.20 25.96
CA PRO B 13 -9.78 21.27 25.47
C PRO B 13 -8.41 21.93 25.56
N ARG B 14 -7.39 21.15 25.88
CA ARG B 14 -6.04 21.69 26.02
C ARG B 14 -5.34 21.99 24.72
N VAL B 15 -5.96 21.56 23.62
CA VAL B 15 -5.43 21.79 22.28
C VAL B 15 -6.55 22.04 21.28
N LEU B 16 -6.28 22.90 20.31
CA LEU B 16 -7.27 23.21 19.29
C LEU B 16 -6.57 23.37 17.95
N GLU B 17 -7.14 22.74 16.92
CA GLU B 17 -6.58 22.80 15.58
C GLU B 17 -6.95 24.08 14.86
N VAL B 18 -6.03 24.59 14.07
CA VAL B 18 -6.24 25.80 13.29
C VAL B 18 -7.45 25.64 12.38
N ASP B 19 -8.16 26.74 12.15
CA ASP B 19 -9.36 26.76 11.30
C ASP B 19 -10.49 25.86 11.75
N THR B 20 -10.55 25.57 13.05
CA THR B 20 -11.64 24.77 13.60
C THR B 20 -12.30 25.54 14.73
N GLN B 21 -13.38 24.96 15.26
CA GLN B 21 -14.14 25.56 16.34
C GLN B 21 -14.13 24.69 17.60
N GLY B 22 -14.05 25.34 18.76
CA GLY B 22 -14.03 24.62 20.02
C GLY B 22 -15.11 25.08 20.97
N THR B 23 -15.23 24.39 22.10
CA THR B 23 -16.25 24.73 23.09
C THR B 23 -15.73 24.94 24.51
N VAL B 24 -15.87 26.18 24.98
CA VAL B 24 -15.43 26.59 26.31
C VAL B 24 -16.61 26.71 27.26
N VAL B 25 -16.43 26.27 28.49
CA VAL B 25 -17.48 26.35 29.50
C VAL B 25 -16.96 26.80 30.87
N CYS B 26 -17.57 27.85 31.39
CA CYS B 26 -17.20 28.40 32.68
C CYS B 26 -18.38 28.39 33.63
N SER B 27 -18.12 28.12 34.90
CA SER B 27 -19.17 28.08 35.89
C SER B 27 -18.65 28.43 37.29
N LEU B 28 -19.52 29.08 38.08
CA LEU B 28 -19.18 29.44 39.44
C LEU B 28 -20.42 29.18 40.29
N ASP B 29 -20.19 28.69 41.50
CA ASP B 29 -21.26 28.35 42.43
C ASP B 29 -21.12 29.12 43.75
N GLY B 30 -22.24 29.34 44.44
CA GLY B 30 -22.25 30.05 45.71
C GLY B 30 -22.22 31.56 45.51
N LEU B 31 -22.85 31.99 44.42
CA LEU B 31 -22.90 33.38 44.02
C LEU B 31 -24.28 34.01 44.19
N PHE B 32 -24.31 35.30 44.53
CA PHE B 32 -25.58 36.03 44.72
C PHE B 32 -25.45 37.55 44.73
N PRO B 33 -26.28 38.25 43.95
CA PRO B 33 -27.32 37.73 43.05
C PRO B 33 -26.73 37.42 41.66
N VAL B 34 -26.57 36.12 41.40
CA VAL B 34 -25.99 35.64 40.16
C VAL B 34 -26.43 36.33 38.86
N SER B 35 -27.70 36.66 38.74
CA SER B 35 -28.24 37.32 37.54
C SER B 35 -27.60 38.66 37.16
N GLU B 36 -26.94 39.30 38.12
CA GLU B 36 -26.28 40.59 37.88
C GLU B 36 -24.78 40.52 37.57
N ALA B 37 -24.13 39.42 37.93
CA ALA B 37 -22.71 39.25 37.68
C ALA B 37 -22.35 39.32 36.19
N GLN B 38 -21.19 39.91 35.89
CA GLN B 38 -20.70 40.00 34.53
C GLN B 38 -19.71 38.86 34.37
N VAL B 39 -19.82 38.11 33.29
CA VAL B 39 -18.90 37.00 33.06
C VAL B 39 -18.10 37.29 31.81
N HIS B 40 -16.77 37.32 31.95
CA HIS B 40 -15.91 37.59 30.80
C HIS B 40 -15.12 36.36 30.37
N LEU B 41 -15.28 36.01 29.10
CA LEU B 41 -14.59 34.86 28.53
C LEU B 41 -13.72 35.34 27.39
N ALA B 42 -12.47 34.92 27.38
CA ALA B 42 -11.57 35.32 26.30
C ALA B 42 -10.47 34.32 26.07
N LEU B 43 -10.02 34.28 24.82
CA LEU B 43 -8.91 33.42 24.42
C LEU B 43 -7.90 34.37 23.82
N GLY B 44 -7.05 34.93 24.68
CA GLY B 44 -6.02 35.86 24.26
C GLY B 44 -6.34 36.80 23.11
N ASP B 45 -6.75 38.03 23.43
CA ASP B 45 -7.08 39.04 22.42
C ASP B 45 -8.41 38.80 21.70
N GLN B 46 -9.07 37.68 22.02
CA GLN B 46 -10.35 37.36 21.41
C GLN B 46 -11.39 37.14 22.50
N ARG B 47 -12.35 38.06 22.62
CA ARG B 47 -13.39 37.94 23.64
C ARG B 47 -14.61 37.15 23.16
N LEU B 48 -14.89 36.05 23.85
CA LEU B 48 -15.98 35.16 23.50
C LEU B 48 -17.37 35.63 23.94
N ASN B 49 -18.40 35.22 23.18
CA ASN B 49 -19.79 35.57 23.46
C ASN B 49 -20.45 34.38 24.13
N PRO B 50 -20.48 34.37 25.47
CA PRO B 50 -21.09 33.27 26.24
C PRO B 50 -22.61 33.24 26.23
N THR B 51 -23.15 32.09 26.62
CA THR B 51 -24.59 31.89 26.72
C THR B 51 -24.74 31.33 28.13
N VAL B 52 -24.94 32.25 29.07
CA VAL B 52 -25.07 31.88 30.48
C VAL B 52 -26.43 31.39 30.94
N THR B 53 -26.40 30.27 31.66
CA THR B 53 -27.60 29.64 32.21
C THR B 53 -27.53 29.75 33.73
N TYR B 54 -28.56 30.33 34.32
CA TYR B 54 -28.60 30.52 35.76
C TYR B 54 -29.27 29.41 36.56
N GLY B 55 -28.68 29.09 37.70
CA GLY B 55 -29.23 28.06 38.59
C GLY B 55 -29.44 28.74 39.93
N ASN B 56 -29.68 27.99 41.00
CA ASN B 56 -29.86 28.65 42.28
C ASN B 56 -28.52 29.02 42.87
N ASP B 57 -28.20 30.31 42.78
CA ASP B 57 -26.94 30.88 43.26
C ASP B 57 -25.76 30.40 42.43
N SER B 58 -25.99 30.19 41.14
CA SER B 58 -24.95 29.71 40.24
C SER B 58 -25.22 30.02 38.78
N PHE B 59 -24.17 29.94 37.97
CA PHE B 59 -24.30 30.22 36.55
C PHE B 59 -23.34 29.33 35.77
N SER B 60 -23.58 29.26 34.47
CA SER B 60 -22.78 28.48 33.56
C SER B 60 -22.76 29.14 32.19
N ALA B 61 -21.58 29.62 31.80
CA ALA B 61 -21.40 30.27 30.53
C ALA B 61 -20.78 29.30 29.51
N LYS B 62 -21.37 29.25 28.31
CA LYS B 62 -20.88 28.39 27.23
C LYS B 62 -20.67 29.25 26.00
N ALA B 63 -19.52 29.09 25.37
CA ALA B 63 -19.20 29.88 24.18
C ALA B 63 -18.26 29.15 23.23
N SER B 64 -18.48 29.32 21.93
CA SER B 64 -17.66 28.69 20.89
C SER B 64 -16.40 29.50 20.61
N VAL B 65 -15.36 28.82 20.16
CA VAL B 65 -14.11 29.51 19.85
C VAL B 65 -13.57 29.02 18.54
N SER B 66 -13.28 29.95 17.64
CA SER B 66 -12.74 29.61 16.35
C SER B 66 -11.35 30.21 16.21
N VAL B 67 -10.42 29.47 15.63
CA VAL B 67 -9.07 29.99 15.47
C VAL B 67 -8.50 29.95 14.05
N THR B 68 -7.79 31.00 13.69
CA THR B 68 -7.15 31.16 12.39
C THR B 68 -5.72 30.66 12.49
N ALA B 69 -4.97 30.70 11.39
CA ALA B 69 -3.58 30.26 11.40
C ALA B 69 -2.75 31.19 12.27
N GLU B 70 -3.19 32.45 12.37
CA GLU B 70 -2.51 33.46 13.18
C GLU B 70 -2.49 33.11 14.67
N ASP B 71 -3.51 32.38 15.12
CA ASP B 71 -3.62 31.99 16.52
C ASP B 71 -2.79 30.75 16.87
N GLU B 72 -1.73 30.50 16.13
CA GLU B 72 -0.87 29.35 16.41
C GLU B 72 -0.04 29.50 17.66
N GLY B 73 0.23 28.37 18.30
CA GLY B 73 1.02 28.36 19.51
C GLY B 73 0.17 28.34 20.76
N THR B 74 0.76 28.78 21.86
CA THR B 74 0.10 28.84 23.16
C THR B 74 -0.80 30.06 23.34
N GLN B 75 -2.04 29.81 23.73
CA GLN B 75 -3.01 30.89 23.97
C GLN B 75 -3.50 30.89 25.40
N ARG B 76 -3.98 32.05 25.82
CA ARG B 76 -4.47 32.29 27.16
C ARG B 76 -6.00 32.33 27.23
N LEU B 77 -6.60 31.31 27.82
CA LEU B 77 -8.06 31.24 27.97
C LEU B 77 -8.45 31.65 29.38
N THR B 78 -9.25 32.69 29.50
CA THR B 78 -9.67 33.16 30.82
C THR B 78 -11.15 33.32 31.02
N CYS B 79 -11.57 33.12 32.28
CA CYS B 79 -12.95 33.31 32.71
C CYS B 79 -12.93 34.23 33.92
N ALA B 80 -13.65 35.35 33.83
CA ALA B 80 -13.71 36.29 34.93
C ALA B 80 -15.15 36.51 35.39
N VAL B 81 -15.37 36.37 36.69
CA VAL B 81 -16.68 36.58 37.31
C VAL B 81 -16.56 37.90 38.03
N ILE B 82 -17.49 38.81 37.77
CA ILE B 82 -17.43 40.14 38.38
C ILE B 82 -18.76 40.64 38.97
N LEU B 83 -18.65 41.17 40.18
CA LEU B 83 -19.79 41.75 40.89
C LEU B 83 -19.29 42.98 41.62
N GLY B 84 -19.66 44.15 41.11
CA GLY B 84 -19.24 45.40 41.72
C GLY B 84 -17.82 45.71 41.28
N ASN B 85 -16.93 45.84 42.25
CA ASN B 85 -15.53 46.13 41.96
C ASN B 85 -14.69 44.87 42.20
N GLN B 86 -15.37 43.76 42.53
CA GLN B 86 -14.73 42.47 42.81
C GLN B 86 -14.79 41.45 41.69
N SER B 87 -13.77 40.60 41.60
CA SER B 87 -13.73 39.58 40.56
C SER B 87 -12.88 38.38 40.90
N GLN B 88 -13.25 37.24 40.31
CA GLN B 88 -12.54 35.98 40.48
C GLN B 88 -12.18 35.59 39.06
N GLU B 89 -10.90 35.31 38.82
CA GLU B 89 -10.44 34.96 37.49
C GLU B 89 -9.67 33.67 37.45
N THR B 90 -9.76 32.97 36.31
CA THR B 90 -9.06 31.69 36.13
C THR B 90 -8.30 31.62 34.80
N LEU B 91 -7.15 30.95 34.81
CA LEU B 91 -6.36 30.77 33.61
C LEU B 91 -6.24 29.31 33.23
N GLN B 92 -6.19 29.08 31.93
CA GLN B 92 -6.03 27.76 31.31
C GLN B 92 -5.38 28.04 29.97
N THR B 93 -4.34 27.30 29.64
CA THR B 93 -3.68 27.50 28.36
C THR B 93 -4.26 26.56 27.30
N VAL B 94 -4.21 27.00 26.05
CA VAL B 94 -4.72 26.20 24.96
C VAL B 94 -3.65 26.21 23.88
N THR B 95 -3.25 25.02 23.45
CA THR B 95 -2.22 24.92 22.42
C THR B 95 -2.90 24.74 21.06
N ILE B 96 -2.71 25.72 20.19
CA ILE B 96 -3.31 25.69 18.88
C ILE B 96 -2.31 25.21 17.85
N TYR B 97 -2.65 24.11 17.19
CA TYR B 97 -1.75 23.48 16.24
C TYR B 97 -2.32 23.34 14.83
N SER B 98 -1.44 23.07 13.87
CA SER B 98 -1.83 22.85 12.48
C SER B 98 -1.36 21.44 12.15
N PHE B 99 -2.26 20.65 11.58
CA PHE B 99 -1.95 19.27 11.24
C PHE B 99 -2.29 18.98 9.79
N PRO B 100 -1.34 19.21 8.89
CA PRO B 100 -1.54 18.96 7.45
C PRO B 100 -1.83 17.49 7.37
N ALA B 101 -3.03 17.14 6.90
CA ALA B 101 -3.45 15.75 6.79
C ALA B 101 -2.53 14.92 5.91
N PRO B 102 -2.30 13.65 6.30
CA PRO B 102 -1.43 12.74 5.55
C PRO B 102 -2.14 12.21 4.30
N ASN B 103 -1.80 12.79 3.15
CA ASN B 103 -2.41 12.39 1.89
C ASN B 103 -1.90 11.07 1.35
N VAL B 104 -2.84 10.18 1.00
CA VAL B 104 -2.51 8.88 0.43
C VAL B 104 -2.32 9.14 -1.06
N ILE B 105 -1.17 8.70 -1.59
CA ILE B 105 -0.84 8.92 -3.00
C ILE B 105 -0.89 7.71 -3.93
N LEU B 106 -1.70 7.84 -4.97
CA LEU B 106 -1.85 6.80 -5.99
C LEU B 106 -1.26 7.31 -7.30
N THR B 107 -0.27 6.61 -7.86
CA THR B 107 0.33 7.05 -9.13
C THR B 107 -0.73 7.31 -10.19
N LYS B 108 -1.87 6.63 -10.07
CA LYS B 108 -3.00 6.78 -10.97
C LYS B 108 -4.24 6.21 -10.28
N PRO B 109 -5.25 7.06 -10.02
CA PRO B 109 -6.49 6.66 -9.35
C PRO B 109 -7.26 5.54 -10.07
N GLU B 110 -7.56 5.76 -11.34
CA GLU B 110 -8.27 4.77 -12.16
C GLU B 110 -7.25 4.23 -13.13
N VAL B 111 -7.23 2.91 -13.30
CA VAL B 111 -6.25 2.32 -14.20
C VAL B 111 -6.77 1.03 -14.84
N SER B 112 -6.13 0.61 -15.93
CA SER B 112 -6.56 -0.62 -16.61
C SER B 112 -5.81 -1.82 -16.07
N GLU B 113 -6.49 -2.97 -16.05
CA GLU B 113 -5.90 -4.22 -15.56
C GLU B 113 -4.50 -4.44 -16.15
N GLY B 114 -3.59 -4.90 -15.32
CA GLY B 114 -2.23 -5.14 -15.78
C GLY B 114 -1.26 -3.98 -15.60
N THR B 115 -1.81 -2.77 -15.44
CA THR B 115 -0.98 -1.56 -15.24
C THR B 115 -0.31 -1.61 -13.87
N GLU B 116 0.90 -1.06 -13.77
CA GLU B 116 1.60 -1.03 -12.50
C GLU B 116 1.23 0.26 -11.78
N VAL B 117 0.91 0.12 -10.49
CA VAL B 117 0.52 1.27 -9.68
C VAL B 117 1.26 1.28 -8.35
N THR B 118 1.54 2.49 -7.87
CA THR B 118 2.24 2.67 -6.60
C THR B 118 1.44 3.48 -5.61
N VAL B 119 1.38 2.99 -4.38
CA VAL B 119 0.65 3.68 -3.31
C VAL B 119 1.69 4.21 -2.31
N LYS B 120 1.69 5.53 -2.11
CA LYS B 120 2.62 6.18 -1.20
C LYS B 120 1.89 7.03 -0.17
N CYS B 121 2.56 7.29 0.97
CA CYS B 121 2.00 8.12 2.04
C CYS B 121 2.73 9.46 2.01
N GLU B 122 2.04 10.49 1.51
CA GLU B 122 2.62 11.82 1.42
C GLU B 122 2.51 12.57 2.75
N ALA B 123 3.55 12.43 3.59
CA ALA B 123 3.59 13.08 4.90
C ALA B 123 4.26 14.45 4.83
N GLY B 140 11.98 12.45 6.01
CA GLY B 140 11.77 11.07 6.44
C GLY B 140 11.62 10.07 5.30
N PRO B 141 11.74 8.76 5.59
CA PRO B 141 11.62 7.67 4.60
C PRO B 141 10.14 7.40 4.32
N ARG B 142 9.79 7.25 3.04
CA ARG B 142 8.40 6.98 2.68
C ARG B 142 8.12 5.50 2.40
N ALA B 143 7.05 4.99 3.01
CA ALA B 143 6.63 3.60 2.82
C ALA B 143 5.74 3.55 1.58
N GLN B 144 5.93 2.55 0.74
CA GLN B 144 5.13 2.44 -0.47
C GLN B 144 4.79 1.01 -0.83
N LEU B 145 3.78 0.89 -1.70
CA LEU B 145 3.33 -0.42 -2.18
C LEU B 145 3.29 -0.36 -3.70
N LEU B 146 3.85 -1.40 -4.31
CA LEU B 146 3.90 -1.52 -5.76
C LEU B 146 3.01 -2.70 -6.14
N LEU B 147 2.08 -2.46 -7.04
CA LEU B 147 1.19 -3.54 -7.44
C LEU B 147 0.78 -3.52 -8.89
N LYS B 148 0.70 -4.72 -9.47
CA LYS B 148 0.26 -4.85 -10.84
C LYS B 148 -1.25 -5.02 -10.66
N ALA B 149 -2.00 -3.98 -11.07
CA ALA B 149 -3.44 -3.97 -10.93
C ALA B 149 -4.13 -5.19 -11.48
N THR B 150 -5.00 -5.78 -10.67
CA THR B 150 -5.77 -6.96 -11.08
C THR B 150 -7.23 -6.59 -10.88
N PRO B 151 -8.15 -7.35 -11.49
CA PRO B 151 -9.58 -7.05 -11.34
C PRO B 151 -10.00 -7.01 -9.90
N GLU B 152 -9.49 -7.93 -9.10
CA GLU B 152 -9.81 -7.99 -7.69
C GLU B 152 -9.32 -6.73 -6.94
N ASP B 153 -8.38 -6.00 -7.55
CA ASP B 153 -7.88 -4.79 -6.92
C ASP B 153 -8.86 -3.64 -7.01
N ASN B 154 -9.82 -3.74 -7.92
CA ASN B 154 -10.81 -2.69 -8.14
C ASN B 154 -11.68 -2.39 -6.91
N GLY B 155 -11.90 -1.10 -6.66
CA GLY B 155 -12.73 -0.66 -5.53
C GLY B 155 -12.06 -0.67 -4.17
N ARG B 156 -10.87 -1.26 -4.15
CA ARG B 156 -10.08 -1.40 -2.96
C ARG B 156 -9.60 -0.03 -2.47
N SER B 157 -9.36 0.08 -1.17
CA SER B 157 -8.91 1.33 -0.58
C SER B 157 -7.71 1.22 0.36
N PHE B 158 -6.83 2.22 0.26
CA PHE B 158 -5.63 2.29 1.07
C PHE B 158 -5.71 3.53 1.93
N SER B 159 -5.08 3.48 3.11
CA SER B 159 -5.11 4.61 4.02
C SER B 159 -3.72 4.97 4.51
N CYS B 160 -3.54 6.24 4.83
CA CYS B 160 -2.29 6.75 5.37
C CYS B 160 -2.66 7.39 6.71
N SER B 161 -2.11 6.88 7.80
CA SER B 161 -2.41 7.45 9.12
C SER B 161 -1.18 8.14 9.72
N ALA B 162 -1.38 9.36 10.21
CA ALA B 162 -0.28 10.12 10.81
C ALA B 162 -0.53 10.44 12.28
N THR B 163 0.54 10.86 12.96
CA THR B 163 0.47 11.20 14.38
C THR B 163 1.31 12.42 14.75
N LEU B 164 0.68 13.38 15.43
CA LEU B 164 1.36 14.60 15.86
C LEU B 164 1.18 14.78 17.36
N GLU B 165 2.27 15.10 18.04
CA GLU B 165 2.19 15.33 19.48
C GLU B 165 2.17 16.82 19.80
N VAL B 166 1.03 17.27 20.32
CA VAL B 166 0.84 18.66 20.69
C VAL B 166 0.60 18.74 22.19
N ALA B 167 1.47 19.49 22.86
CA ALA B 167 1.42 19.67 24.31
C ALA B 167 1.17 18.36 25.05
N GLY B 168 2.10 17.41 24.88
CA GLY B 168 1.99 16.12 25.55
C GLY B 168 0.81 15.27 25.13
N GLN B 169 0.10 15.69 24.09
CA GLN B 169 -1.04 14.95 23.59
C GLN B 169 -0.74 14.37 22.21
N LEU B 170 -1.20 13.15 21.99
CA LEU B 170 -1.01 12.46 20.74
C LEU B 170 -2.26 12.67 19.89
N ILE B 171 -2.07 13.20 18.69
CA ILE B 171 -3.19 13.45 17.79
C ILE B 171 -3.13 12.57 16.57
N HIS B 172 -4.27 11.96 16.24
CA HIS B 172 -4.35 11.07 15.09
C HIS B 172 -5.06 11.72 13.91
N LYS B 173 -4.64 11.34 12.71
CA LYS B 173 -5.20 11.89 11.50
C LYS B 173 -5.01 10.86 10.39
N ASN B 174 -6.09 10.49 9.70
CA ASN B 174 -6.01 9.49 8.63
C ASN B 174 -6.86 9.68 7.38
N GLN B 175 -6.17 9.79 6.25
CA GLN B 175 -6.75 9.96 4.92
C GLN B 175 -6.96 8.58 4.23
N THR B 176 -8.04 8.46 3.46
CA THR B 176 -8.34 7.20 2.77
C THR B 176 -8.73 7.41 1.30
N ARG B 177 -8.00 6.75 0.39
CA ARG B 177 -8.28 6.85 -1.04
C ARG B 177 -8.69 5.48 -1.59
N GLU B 178 -9.41 5.49 -2.70
CA GLU B 178 -9.89 4.26 -3.33
C GLU B 178 -9.26 4.11 -4.72
N LEU B 179 -9.03 2.87 -5.15
CA LEU B 179 -8.41 2.57 -6.45
C LEU B 179 -9.36 1.87 -7.41
N ARG B 180 -9.58 2.46 -8.58
CA ARG B 180 -10.44 1.86 -9.60
C ARG B 180 -9.60 1.11 -10.61
N VAL B 181 -9.94 -0.16 -10.83
CA VAL B 181 -9.23 -0.98 -11.81
C VAL B 181 -10.25 -1.40 -12.86
N LEU B 182 -9.95 -1.10 -14.11
CA LEU B 182 -10.85 -1.43 -15.21
C LEU B 182 -10.48 -2.76 -15.86
N TYR B 183 -11.50 -3.53 -16.25
CA TYR B 183 -11.26 -4.79 -16.92
C TYR B 183 -12.35 -5.13 -17.93
N GLY B 184 -11.96 -5.06 -19.22
CA GLY B 184 -12.84 -5.31 -20.37
C GLY B 184 -13.90 -6.36 -20.18
N PRO B 185 -14.95 -6.37 -21.02
CA PRO B 185 -16.06 -7.33 -20.95
C PRO B 185 -15.60 -8.71 -21.32
N ARG B 186 -16.20 -9.72 -20.73
CA ARG B 186 -15.81 -11.08 -21.05
C ARG B 186 -16.92 -12.07 -20.77
N LEU B 187 -17.13 -12.99 -21.70
CA LEU B 187 -18.14 -14.02 -21.56
C LEU B 187 -17.46 -15.38 -21.69
N ASP B 188 -16.87 -15.81 -20.58
CA ASP B 188 -16.17 -17.07 -20.45
C ASP B 188 -17.18 -18.21 -20.42
N GLU B 189 -16.73 -19.42 -20.72
CA GLU B 189 -17.60 -20.60 -20.67
C GLU B 189 -17.97 -20.79 -19.21
N ARG B 190 -17.11 -20.26 -18.34
CA ARG B 190 -17.28 -20.31 -16.89
C ARG B 190 -18.26 -19.25 -16.41
N ASP B 191 -18.23 -18.07 -17.03
CA ASP B 191 -19.15 -17.00 -16.64
C ASP B 191 -20.52 -17.27 -17.22
N CYS B 192 -20.52 -17.97 -18.35
CA CYS B 192 -21.74 -18.25 -19.07
C CYS B 192 -21.54 -19.40 -20.05
N PRO B 193 -21.90 -20.63 -19.65
CA PRO B 193 -21.76 -21.82 -20.48
C PRO B 193 -22.57 -21.69 -21.77
N GLY B 194 -21.99 -22.16 -22.86
CA GLY B 194 -22.66 -22.05 -24.15
C GLY B 194 -23.63 -23.14 -24.50
N ASN B 195 -23.66 -24.22 -23.72
CA ASN B 195 -24.55 -25.34 -23.97
C ASN B 195 -25.51 -25.57 -22.82
N TRP B 196 -26.75 -25.92 -23.15
CA TRP B 196 -27.79 -26.18 -22.18
C TRP B 196 -28.68 -27.28 -22.73
N THR B 197 -28.86 -28.34 -21.97
CA THR B 197 -29.72 -29.45 -22.40
C THR B 197 -30.62 -29.79 -21.23
N TRP B 198 -31.86 -29.32 -21.28
CA TRP B 198 -32.79 -29.57 -20.19
C TRP B 198 -34.02 -30.36 -20.60
N PRO B 199 -34.50 -31.25 -19.71
CA PRO B 199 -35.69 -32.07 -19.97
C PRO B 199 -36.89 -31.12 -19.98
N GLU B 200 -37.80 -31.28 -20.94
CA GLU B 200 -38.97 -30.40 -21.00
C GLU B 200 -39.73 -30.44 -19.69
N ASN B 201 -40.27 -29.29 -19.28
CA ASN B 201 -41.04 -29.17 -18.05
C ASN B 201 -40.24 -29.32 -16.75
N SER B 202 -38.93 -29.16 -16.83
CA SER B 202 -38.10 -29.26 -15.64
C SER B 202 -37.83 -27.83 -15.18
N GLN B 203 -37.22 -27.69 -14.01
CA GLN B 203 -36.91 -26.37 -13.50
C GLN B 203 -35.42 -26.14 -13.62
N GLN B 204 -35.06 -25.03 -14.26
CA GLN B 204 -33.67 -24.67 -14.46
C GLN B 204 -33.52 -23.17 -14.31
N THR B 205 -32.31 -22.77 -13.92
CA THR B 205 -31.97 -21.36 -13.75
C THR B 205 -30.78 -21.07 -14.68
N PRO B 206 -31.06 -20.45 -15.84
CA PRO B 206 -30.07 -20.09 -16.87
C PRO B 206 -29.01 -19.14 -16.33
N MET B 207 -27.75 -19.54 -16.43
CA MET B 207 -26.67 -18.71 -15.92
C MET B 207 -25.79 -18.14 -17.02
N CYS B 208 -25.71 -16.81 -17.06
CA CYS B 208 -24.88 -16.10 -18.02
C CYS B 208 -24.57 -14.73 -17.45
N GLN B 209 -23.37 -14.57 -16.91
CA GLN B 209 -22.97 -13.29 -16.32
C GLN B 209 -21.79 -12.64 -17.01
N ALA B 210 -21.94 -11.36 -17.35
CA ALA B 210 -20.84 -10.63 -17.98
C ALA B 210 -19.83 -10.28 -16.90
N TRP B 211 -18.56 -10.39 -17.24
CA TRP B 211 -17.47 -10.10 -16.33
C TRP B 211 -16.79 -8.82 -16.76
N GLY B 212 -16.75 -7.83 -15.88
CA GLY B 212 -16.10 -6.59 -16.23
C GLY B 212 -16.40 -5.39 -15.37
N ASN B 213 -15.58 -4.36 -15.53
CA ASN B 213 -15.76 -3.12 -14.82
C ASN B 213 -15.38 -2.02 -15.78
N PRO B 214 -16.31 -1.10 -16.07
CA PRO B 214 -17.67 -1.10 -15.50
C PRO B 214 -18.47 -2.36 -15.87
N LEU B 215 -19.44 -2.72 -15.04
CA LEU B 215 -20.27 -3.90 -15.28
C LEU B 215 -20.87 -3.85 -16.68
N PRO B 216 -20.55 -4.84 -17.52
CA PRO B 216 -21.05 -4.89 -18.90
C PRO B 216 -22.55 -5.04 -19.01
N GLU B 217 -23.12 -4.41 -20.05
CA GLU B 217 -24.54 -4.48 -20.33
C GLU B 217 -24.73 -5.78 -21.13
N LEU B 218 -25.55 -6.70 -20.64
CA LEU B 218 -25.75 -7.96 -21.34
C LEU B 218 -27.09 -8.14 -22.04
N LYS B 219 -27.03 -8.72 -23.24
CA LYS B 219 -28.19 -9.02 -24.07
C LYS B 219 -28.03 -10.42 -24.67
N CYS B 220 -29.01 -11.29 -24.48
CA CYS B 220 -28.94 -12.63 -25.04
C CYS B 220 -30.23 -12.92 -25.79
N LEU B 221 -30.20 -12.70 -27.11
CA LEU B 221 -31.39 -12.89 -27.93
C LEU B 221 -31.25 -13.92 -29.01
N LYS B 222 -32.37 -14.56 -29.35
CA LYS B 222 -32.38 -15.55 -30.43
C LYS B 222 -33.34 -15.01 -31.48
N ASP B 223 -32.92 -15.09 -32.74
CA ASP B 223 -33.71 -14.59 -33.86
C ASP B 223 -33.97 -13.10 -33.64
N GLY B 224 -33.01 -12.44 -33.00
CA GLY B 224 -33.09 -11.01 -32.71
C GLY B 224 -34.16 -10.52 -31.76
N THR B 225 -34.93 -11.41 -31.15
CA THR B 225 -36.00 -11.00 -30.23
C THR B 225 -36.02 -11.71 -28.89
N PHE B 226 -36.48 -12.96 -28.86
CA PHE B 226 -36.57 -13.76 -27.65
C PHE B 226 -35.27 -13.73 -26.85
N PRO B 227 -35.34 -13.27 -25.58
CA PRO B 227 -34.20 -13.17 -24.65
C PRO B 227 -34.07 -14.37 -23.73
N LEU B 228 -32.84 -14.80 -23.48
CA LEU B 228 -32.62 -15.92 -22.59
C LEU B 228 -32.93 -15.39 -21.17
N PRO B 229 -33.76 -16.13 -20.41
CA PRO B 229 -34.15 -15.77 -19.03
C PRO B 229 -33.07 -16.02 -17.99
N ILE B 230 -31.99 -15.26 -18.10
CA ILE B 230 -30.84 -15.39 -17.20
C ILE B 230 -31.12 -15.10 -15.73
N GLY B 231 -30.54 -15.93 -14.87
CA GLY B 231 -30.66 -15.78 -13.43
C GLY B 231 -32.03 -16.06 -12.82
N GLU B 232 -32.96 -16.56 -13.62
CA GLU B 232 -34.29 -16.85 -13.12
C GLU B 232 -34.63 -18.33 -13.13
N SER B 233 -35.28 -18.79 -12.07
CA SER B 233 -35.74 -20.17 -12.01
C SER B 233 -36.96 -20.23 -12.91
N VAL B 234 -36.90 -21.05 -13.95
CA VAL B 234 -37.99 -21.16 -14.90
C VAL B 234 -38.47 -22.58 -15.15
N THR B 235 -39.46 -22.70 -16.03
CA THR B 235 -39.98 -24.00 -16.42
C THR B 235 -39.65 -24.17 -17.90
N VAL B 236 -38.84 -25.18 -18.18
CA VAL B 236 -38.38 -25.47 -19.53
C VAL B 236 -39.53 -25.70 -20.50
N THR B 237 -39.51 -24.94 -21.59
CA THR B 237 -40.54 -25.02 -22.61
C THR B 237 -39.97 -25.07 -24.03
N ARG B 238 -40.83 -25.35 -25.00
CA ARG B 238 -40.44 -25.43 -26.40
C ARG B 238 -39.94 -24.09 -26.92
N ASP B 239 -40.69 -23.02 -26.64
CA ASP B 239 -40.32 -21.68 -27.09
C ASP B 239 -39.00 -21.22 -26.49
N LEU B 240 -38.39 -22.08 -25.67
CA LEU B 240 -37.12 -21.78 -25.00
C LEU B 240 -35.92 -22.27 -25.81
N GLU B 241 -36.15 -23.29 -26.62
CA GLU B 241 -35.14 -23.92 -27.46
C GLU B 241 -34.67 -23.02 -28.60
N GLY B 242 -33.37 -23.07 -28.88
CA GLY B 242 -32.83 -22.26 -29.95
C GLY B 242 -31.40 -21.82 -29.76
N THR B 243 -30.98 -20.85 -30.57
CA THR B 243 -29.63 -20.32 -30.51
C THR B 243 -29.60 -18.81 -30.26
N TYR B 244 -29.09 -18.45 -29.08
CA TYR B 244 -29.01 -17.09 -28.63
C TYR B 244 -27.64 -16.47 -28.86
N LEU B 245 -27.63 -15.20 -29.24
CA LEU B 245 -26.38 -14.47 -29.43
C LEU B 245 -26.30 -13.49 -28.27
N CYS B 246 -25.32 -13.72 -27.41
CA CYS B 246 -25.11 -12.85 -26.27
C CYS B 246 -24.10 -11.77 -26.59
N ARG B 247 -24.44 -10.53 -26.29
CA ARG B 247 -23.55 -9.40 -26.54
C ARG B 247 -23.37 -8.63 -25.23
N ALA B 248 -22.11 -8.39 -24.86
CA ALA B 248 -21.78 -7.67 -23.63
C ALA B 248 -20.97 -6.41 -23.97
N ARG B 249 -21.56 -5.25 -23.72
CA ARG B 249 -20.94 -3.96 -24.00
C ARG B 249 -20.44 -3.21 -22.76
N SER B 250 -19.44 -2.36 -22.96
CA SER B 250 -18.84 -1.58 -21.88
C SER B 250 -17.94 -0.53 -22.49
N THR B 251 -17.61 0.50 -21.74
CA THR B 251 -16.73 1.53 -22.27
C THR B 251 -15.33 0.98 -22.56
N GLN B 252 -15.10 -0.27 -22.20
CA GLN B 252 -13.81 -0.91 -22.42
C GLN B 252 -13.73 -1.74 -23.69
N GLY B 253 -14.89 -2.14 -24.20
CA GLY B 253 -14.97 -2.93 -25.41
C GLY B 253 -16.30 -3.63 -25.56
N GLU B 254 -16.37 -4.49 -26.57
CA GLU B 254 -17.57 -5.27 -26.86
C GLU B 254 -17.15 -6.71 -27.09
N VAL B 255 -17.92 -7.65 -26.58
CA VAL B 255 -17.61 -9.06 -26.70
C VAL B 255 -18.91 -9.82 -27.06
N THR B 256 -18.80 -10.90 -27.83
CA THR B 256 -19.99 -11.65 -28.21
C THR B 256 -19.81 -13.16 -28.10
N ARG B 257 -20.85 -13.84 -27.62
CA ARG B 257 -20.83 -15.28 -27.45
C ARG B 257 -22.17 -15.82 -27.93
N GLU B 258 -22.18 -17.09 -28.32
CA GLU B 258 -23.38 -17.75 -28.81
C GLU B 258 -23.83 -18.81 -27.81
N VAL B 259 -25.08 -18.72 -27.36
CA VAL B 259 -25.60 -19.69 -26.40
C VAL B 259 -26.64 -20.59 -27.03
N THR B 260 -26.58 -21.87 -26.68
CA THR B 260 -27.51 -22.86 -27.22
C THR B 260 -28.33 -23.59 -26.17
N VAL B 261 -29.64 -23.63 -26.37
CA VAL B 261 -30.51 -24.34 -25.44
C VAL B 261 -31.16 -25.51 -26.15
N ASN B 262 -30.99 -26.70 -25.59
CA ASN B 262 -31.56 -27.93 -26.13
C ASN B 262 -32.67 -28.42 -25.24
N VAL B 263 -33.91 -28.34 -25.72
CA VAL B 263 -35.05 -28.79 -24.95
C VAL B 263 -35.45 -30.22 -25.29
N LEU B 264 -35.24 -31.15 -24.35
CA LEU B 264 -35.59 -32.55 -24.57
C LEU B 264 -37.09 -32.79 -24.48
N SER B 265 -37.56 -33.80 -25.23
CA SER B 265 -38.97 -34.16 -25.25
C SER B 265 -39.27 -34.99 -24.00
N PRO B 266 -40.53 -34.94 -23.50
CA PRO B 266 -40.92 -35.71 -22.31
C PRO B 266 -40.67 -37.21 -22.44
C1 NAG C . 55.29 4.39 -27.73
C2 NAG C . 54.51 3.12 -27.92
C3 NAG C . 54.92 2.62 -29.29
C4 NAG C . 54.47 3.66 -30.33
C5 NAG C . 54.79 5.14 -29.95
C6 NAG C . 53.81 6.09 -30.63
C7 NAG C . 53.84 1.96 -25.91
C8 NAG C . 52.36 1.98 -26.31
N2 NAG C . 54.75 2.14 -26.88
O3 NAG C . 54.32 1.36 -29.56
O4 NAG C . 55.08 3.36 -31.58
O5 NAG C . 54.69 5.40 -28.52
O6 NAG C . 52.46 5.71 -30.40
O7 NAG C . 54.15 1.75 -24.73
C1 NAG D . 68.74 15.01 -5.05
C2 NAG D . 69.95 14.84 -5.99
C3 NAG D . 71.01 13.92 -5.35
C4 NAG D . 71.37 14.44 -3.97
C5 NAG D . 70.10 14.47 -3.13
C6 NAG D . 70.34 14.91 -1.70
C7 NAG D . 68.82 15.05 -8.13
C8 NAG D . 69.58 16.08 -8.95
N2 NAG D . 69.54 14.30 -7.28
O3 NAG D . 72.17 13.86 -6.17
O4 NAG D . 72.34 13.61 -3.37
O5 NAG D . 69.15 15.39 -3.72
O6 NAG D . 71.33 15.93 -1.63
O7 NAG D . 67.60 14.93 -8.28
C1 NAG E . 15.51 0.38 -4.77
C2 NAG E . 14.57 0.71 -5.93
C3 NAG E . 14.86 -0.15 -7.17
C4 NAG E . 16.36 -0.30 -7.45
C5 NAG E . 17.11 -0.65 -6.17
C6 NAG E . 18.62 -0.78 -6.34
C7 NAG E . 12.35 1.50 -5.28
C8 NAG E . 11.62 2.09 -6.48
N2 NAG E . 13.18 0.49 -5.50
O3 NAG E . 14.24 0.41 -8.33
O4 NAG E . 16.56 -1.33 -8.43
O5 NAG E . 16.87 0.36 -5.19
O6 NAG E . 19.16 -1.74 -5.46
O7 NAG E . 12.14 1.96 -4.15
C1 NAG F . -9.29 9.18 10.57
C2 NAG F . -10.57 9.41 9.75
C3 NAG F . -11.72 8.53 10.27
C4 NAG F . -11.12 7.29 10.95
C5 NAG F . -10.36 7.72 12.20
C6 NAG F . -9.40 6.67 12.72
C7 NAG F . -10.86 11.56 8.69
C8 NAG F . -9.72 12.57 8.63
N2 NAG F . -10.95 10.80 9.78
O3 NAG F . -12.57 8.15 9.20
O4 NAG F . -12.17 6.38 11.30
O5 NAG F . -9.60 8.94 11.96
O6 NAG F . -9.85 6.14 13.96
O7 NAG F . -11.65 11.46 7.73
C1 NAG G . -32.02 26.40 45.32
C2 NAG G . -32.47 25.57 46.57
C3 NAG G . -33.02 24.17 46.22
C4 NAG G . -33.93 24.21 44.97
C5 NAG G . -33.19 24.94 43.86
C6 NAG G . -33.84 24.94 42.49
C7 NAG G . -31.56 24.91 48.71
C8 NAG G . -31.37 23.40 48.85
N2 NAG G . -31.37 25.44 47.51
O3 NAG G . -33.77 23.66 47.32
O4 NAG G . -34.25 22.88 44.55
O5 NAG G . -32.99 26.30 44.27
O6 NAG G . -32.88 25.15 41.45
O7 NAG G . -31.89 25.59 49.71
C1 NAG H . -15.52 49.33 45.27
C2 NAG H . -16.79 49.28 46.16
C3 NAG H . -17.38 50.69 46.34
C4 NAG H . -16.32 51.70 46.74
C5 NAG H . -15.12 51.63 45.80
C6 NAG H . -13.98 52.57 46.16
C7 NAG H . -18.89 48.86 45.00
C8 NAG H . -18.78 49.39 43.57
N2 NAG H . -17.78 48.39 45.58
O3 NAG H . -18.40 50.66 47.32
O4 NAG H . -16.87 53.00 46.71
O5 NAG H . -14.59 50.29 45.78
O6 NAG H . -13.28 52.15 47.32
O7 NAG H . -19.99 48.87 45.57
#